data_8J2N
#
_entry.id   8J2N
#
_cell.length_a   79.880
_cell.length_b   41.730
_cell.length_c   100.440
_cell.angle_alpha   90.00
_cell.angle_beta   93.64
_cell.angle_gamma   90.00
#
_symmetry.space_group_name_H-M   'P 1 21 1'
#
loop_
_entity.id
_entity.type
_entity.pdbx_description
1 polymer 'Exopolysaccharide phosphotransferase CpsY'
2 water water
#
_entity_poly.entity_id   1
_entity_poly.type   'polypeptide(L)'
_entity_poly.pdbx_seq_one_letter_code
;FDIDMVFSWVDGSDPEFRARRMAQMSQYVVGEGDDAEARIRQIDELKYALRSVNMFAPWIRRIFIATDSTPPPWLAEHPK
ITIVRAEDHFSDRSALPTYNSHAVESQLHHIPGLSEHFLYSNDDMFFGRPLKASMFFSPGGVTRFIEAKTRIGLGANNPA
RSGFENAARVNRQLLFDRFGQVITRHLEHTAVPLRKSVLIEMEREFPEEFARTAASPFRSDTDISVTNSFYHYYALMTGR
AVPQEKAKVLYVDTTSYAGLRLLPKLRKHRGYDFFCLNDGSFPEVPAAQRAERVVSFLERYFPIPAPWEKIAADVSRRDF
;
_entity_poly.pdbx_strand_id   A,B
#
# COMPACT_ATOMS: atom_id res chain seq x y z
N PHE A 1 -6.77 9.37 13.60
CA PHE A 1 -8.21 9.48 13.40
C PHE A 1 -8.94 8.27 14.02
N ASP A 2 -10.22 8.45 14.36
CA ASP A 2 -11.04 7.37 14.89
C ASP A 2 -11.36 6.32 13.82
N ILE A 3 -11.46 5.06 14.25
CA ILE A 3 -11.95 4.00 13.38
C ILE A 3 -13.06 3.25 14.11
N ASP A 4 -14.27 3.25 13.54
CA ASP A 4 -15.40 2.49 14.05
C ASP A 4 -15.58 1.21 13.23
N MET A 5 -16.47 0.34 13.73
CA MET A 5 -16.86 -0.90 13.06
C MET A 5 -18.38 -1.00 13.01
N VAL A 6 -18.90 -1.47 11.88
CA VAL A 6 -20.33 -1.75 11.74
C VAL A 6 -20.48 -3.21 11.37
N PHE A 7 -21.28 -3.96 12.14
CA PHE A 7 -21.70 -5.31 11.79
C PHE A 7 -23.17 -5.29 11.36
N SER A 8 -23.49 -5.95 10.26
CA SER A 8 -24.88 -6.25 9.97
C SER A 8 -25.24 -7.59 10.63
N TRP A 9 -26.51 -7.72 11.02
CA TRP A 9 -26.91 -8.90 11.77
C TRP A 9 -28.41 -9.09 11.60
N VAL A 10 -28.83 -10.35 11.47
CA VAL A 10 -30.23 -10.72 11.55
C VAL A 10 -30.34 -11.94 12.44
N ASP A 11 -31.30 -11.94 13.35
CA ASP A 11 -31.50 -13.08 14.23
C ASP A 11 -32.02 -14.26 13.40
N ILE A 43 -25.61 -20.99 17.81
CA ILE A 43 -24.18 -20.76 17.66
C ILE A 43 -23.76 -19.36 18.14
N ASP A 44 -24.61 -18.37 17.93
CA ASP A 44 -24.33 -16.97 18.27
C ASP A 44 -23.02 -16.49 17.65
N GLU A 45 -22.91 -16.63 16.32
CA GLU A 45 -21.69 -16.20 15.63
C GLU A 45 -21.33 -14.75 15.96
N LEU A 46 -22.33 -13.87 16.07
CA LEU A 46 -22.03 -12.45 16.32
C LEU A 46 -21.31 -12.26 17.65
N LYS A 47 -21.71 -13.02 18.68
CA LYS A 47 -21.03 -12.91 19.98
C LYS A 47 -19.53 -13.12 19.81
N TYR A 48 -19.13 -14.12 19.03
CA TYR A 48 -17.73 -14.44 18.87
C TYR A 48 -17.03 -13.50 17.89
N ALA A 49 -17.75 -13.05 16.85
CA ALA A 49 -17.17 -12.04 15.98
C ALA A 49 -16.86 -10.76 16.76
N LEU A 50 -17.74 -10.40 17.69
CA LEU A 50 -17.46 -9.23 18.53
C LEU A 50 -16.30 -9.51 19.49
N ARG A 51 -16.21 -10.74 20.03
CA ARG A 51 -15.04 -11.08 20.84
C ARG A 51 -13.75 -10.93 20.04
N SER A 52 -13.79 -11.28 18.75
CA SER A 52 -12.59 -11.18 17.94
C SER A 52 -12.17 -9.72 17.79
N VAL A 53 -13.13 -8.79 17.73
CA VAL A 53 -12.78 -7.38 17.73
C VAL A 53 -12.21 -6.93 19.07
N ASN A 54 -12.88 -7.30 20.17
CA ASN A 54 -12.38 -6.93 21.51
C ASN A 54 -10.96 -7.45 21.73
N MET A 55 -10.65 -8.65 21.23
CA MET A 55 -9.36 -9.26 21.47
C MET A 55 -8.29 -8.72 20.52
N PHE A 56 -8.62 -8.55 19.24
CA PHE A 56 -7.61 -8.37 18.21
C PHE A 56 -7.62 -7.00 17.53
N ALA A 57 -8.63 -6.16 17.78
CA ALA A 57 -8.69 -4.80 17.24
C ALA A 57 -9.11 -3.85 18.36
N PRO A 58 -8.30 -3.73 19.42
CA PRO A 58 -8.69 -2.87 20.54
C PRO A 58 -8.73 -1.40 20.17
N TRP A 59 -8.13 -1.01 19.06
CA TRP A 59 -8.13 0.38 18.60
C TRP A 59 -9.47 0.80 17.99
N ILE A 60 -10.43 -0.11 17.84
CA ILE A 60 -11.75 0.26 17.34
C ILE A 60 -12.46 1.11 18.38
N ARG A 61 -13.06 2.22 17.94
CA ARG A 61 -13.72 3.15 18.86
C ARG A 61 -15.14 2.70 19.19
N ARG A 62 -16.07 2.88 18.25
CA ARG A 62 -17.47 2.47 18.41
C ARG A 62 -17.75 1.25 17.55
N ILE A 63 -18.60 0.35 18.05
CA ILE A 63 -19.15 -0.75 17.27
C ILE A 63 -20.64 -0.53 17.10
N PHE A 64 -21.08 -0.46 15.84
CA PHE A 64 -22.50 -0.35 15.52
C PHE A 64 -23.00 -1.71 15.04
N ILE A 65 -24.18 -2.11 15.49
CA ILE A 65 -24.83 -3.31 14.97
C ILE A 65 -26.04 -2.86 14.18
N ALA A 66 -25.97 -3.01 12.87
CA ALA A 66 -27.02 -2.57 11.97
C ALA A 66 -28.00 -3.73 11.85
N THR A 67 -29.14 -3.59 12.53
CA THR A 67 -30.08 -4.71 12.59
C THR A 67 -31.47 -4.19 12.90
N ASP A 68 -32.47 -4.93 12.40
CA ASP A 68 -33.85 -4.71 12.78
C ASP A 68 -34.37 -5.79 13.72
N SER A 69 -33.51 -6.70 14.15
CA SER A 69 -33.89 -7.78 15.06
C SER A 69 -33.85 -7.32 16.51
N THR A 70 -34.55 -8.05 17.37
CA THR A 70 -34.39 -7.86 18.80
C THR A 70 -32.94 -8.16 19.18
N PRO A 71 -32.30 -7.32 19.99
CA PRO A 71 -30.92 -7.58 20.35
C PRO A 71 -30.77 -8.94 21.01
N PRO A 72 -29.64 -9.60 20.82
CA PRO A 72 -29.46 -10.93 21.41
C PRO A 72 -29.52 -10.85 22.92
N PRO A 73 -29.98 -11.93 23.57
CA PRO A 73 -30.15 -11.87 25.04
C PRO A 73 -28.84 -11.75 25.80
N TRP A 74 -27.72 -12.15 25.21
CA TRP A 74 -26.42 -12.06 25.88
C TRP A 74 -25.82 -10.66 25.82
N LEU A 75 -26.46 -9.72 25.12
CA LEU A 75 -25.89 -8.41 24.86
C LEU A 75 -26.40 -7.42 25.89
N ALA A 76 -25.49 -6.86 26.67
CA ALA A 76 -25.84 -5.81 27.62
C ALA A 76 -25.73 -4.44 26.96
N GLU A 77 -26.37 -3.46 27.58
CA GLU A 77 -26.14 -2.08 27.20
C GLU A 77 -24.71 -1.70 27.56
N HIS A 78 -24.03 -1.01 26.65
CA HIS A 78 -22.63 -0.69 26.83
C HIS A 78 -22.29 0.49 25.96
N PRO A 79 -21.49 1.46 26.44
CA PRO A 79 -21.19 2.65 25.62
C PRO A 79 -20.52 2.32 24.29
N LYS A 80 -19.80 1.19 24.20
CA LYS A 80 -19.11 0.85 22.97
C LYS A 80 -20.04 0.29 21.90
N ILE A 81 -21.24 -0.17 22.25
CA ILE A 81 -22.14 -0.83 21.31
C ILE A 81 -23.34 0.07 21.05
N THR A 82 -23.69 0.23 19.77
CA THR A 82 -24.88 0.96 19.38
C THR A 82 -25.69 0.12 18.40
N ILE A 83 -26.97 -0.09 18.71
CA ILE A 83 -27.89 -0.78 17.81
C ILE A 83 -28.51 0.25 16.87
N VAL A 84 -28.47 -0.02 15.57
CA VAL A 84 -28.94 0.90 14.54
C VAL A 84 -29.97 0.18 13.67
N ARG A 85 -31.24 0.56 13.82
CA ARG A 85 -32.27 0.03 12.95
C ARG A 85 -32.21 0.74 11.60
N ALA A 86 -32.79 0.12 10.57
CA ALA A 86 -32.76 0.70 9.23
C ALA A 86 -33.35 2.11 9.24
N GLU A 87 -34.42 2.31 10.02
CA GLU A 87 -35.07 3.62 10.09
C GLU A 87 -34.18 4.68 10.73
N ASP A 88 -33.13 4.30 11.46
CA ASP A 88 -32.20 5.25 12.06
C ASP A 88 -31.19 5.80 11.06
N HIS A 89 -31.02 5.19 9.89
CA HIS A 89 -30.03 5.73 8.97
C HIS A 89 -30.42 5.74 7.50
N PHE A 90 -31.59 5.21 7.11
CA PHE A 90 -31.92 5.22 5.71
C PHE A 90 -32.34 6.62 5.24
N SER A 91 -31.96 6.97 4.01
CA SER A 91 -32.40 8.23 3.41
C SER A 91 -33.92 8.26 3.24
N ASP A 92 -34.49 7.19 2.69
CA ASP A 92 -35.87 7.15 2.27
C ASP A 92 -36.62 6.08 3.05
N ARG A 93 -37.66 6.50 3.78
CA ARG A 93 -38.47 5.54 4.52
C ARG A 93 -39.28 4.64 3.59
N SER A 94 -39.59 5.10 2.38
CA SER A 94 -40.26 4.25 1.40
C SER A 94 -39.48 2.96 1.16
N ALA A 95 -38.16 3.01 1.23
CA ALA A 95 -37.31 1.83 1.09
C ALA A 95 -37.57 0.79 2.17
N LEU A 96 -38.26 1.17 3.25
CA LEU A 96 -38.46 0.26 4.37
C LEU A 96 -39.89 -0.28 4.38
N PRO A 97 -40.11 -1.49 4.93
CA PRO A 97 -39.09 -2.30 5.58
C PRO A 97 -38.16 -2.98 4.59
N THR A 98 -36.94 -3.31 5.00
CA THR A 98 -36.03 -3.97 4.09
C THR A 98 -35.57 -5.30 4.68
N TYR A 99 -35.28 -6.24 3.79
CA TYR A 99 -34.75 -7.55 4.16
C TYR A 99 -33.49 -7.84 3.35
N ASN A 100 -32.80 -6.79 2.93
CA ASN A 100 -31.73 -6.87 1.95
C ASN A 100 -30.47 -6.27 2.56
N SER A 101 -29.47 -7.11 2.86
CA SER A 101 -28.22 -6.57 3.40
C SER A 101 -27.59 -5.56 2.45
N HIS A 102 -27.79 -5.71 1.13
CA HIS A 102 -27.23 -4.73 0.19
C HIS A 102 -27.84 -3.36 0.39
N ALA A 103 -29.15 -3.32 0.70
CA ALA A 103 -29.80 -2.04 0.95
C ALA A 103 -29.21 -1.35 2.17
N VAL A 104 -29.05 -2.10 3.26
CA VAL A 104 -28.40 -1.54 4.45
C VAL A 104 -26.99 -1.06 4.12
N GLU A 105 -26.26 -1.86 3.33
CA GLU A 105 -24.88 -1.54 2.99
C GLU A 105 -24.78 -0.25 2.19
N SER A 106 -25.80 0.05 1.39
CA SER A 106 -25.78 1.27 0.59
C SER A 106 -26.02 2.53 1.43
N GLN A 107 -26.39 2.37 2.71
CA GLN A 107 -26.77 3.50 3.56
C GLN A 107 -25.91 3.62 4.81
N LEU A 108 -24.80 2.87 4.88
CA LEU A 108 -24.00 2.85 6.10
C LEU A 108 -23.49 4.24 6.45
N HIS A 109 -23.16 5.03 5.44
CA HIS A 109 -22.51 6.31 5.71
C HIS A 109 -23.47 7.32 6.30
N HIS A 110 -24.75 6.98 6.38
CA HIS A 110 -25.75 7.83 7.01
C HIS A 110 -25.98 7.49 8.48
N ILE A 111 -25.22 6.53 9.04
CA ILE A 111 -25.40 6.19 10.44
C ILE A 111 -24.95 7.36 11.28
N PRO A 112 -25.81 7.94 12.12
CA PRO A 112 -25.39 9.07 12.95
C PRO A 112 -24.28 8.68 13.91
N GLY A 113 -23.26 9.53 14.00
CA GLY A 113 -22.16 9.31 14.90
C GLY A 113 -21.04 8.45 14.36
N LEU A 114 -21.23 7.82 13.20
CA LEU A 114 -20.18 6.95 12.63
C LEU A 114 -18.97 7.78 12.23
N SER A 115 -17.78 7.27 12.54
CA SER A 115 -16.55 7.97 12.17
C SER A 115 -16.37 7.98 10.65
N GLU A 116 -15.58 8.96 10.18
CA GLU A 116 -15.27 9.06 8.76
C GLU A 116 -14.63 7.77 8.24
N HIS A 117 -13.70 7.20 9.01
CA HIS A 117 -13.04 5.96 8.64
C HIS A 117 -13.67 4.82 9.42
N PHE A 118 -14.17 3.79 8.72
CA PHE A 118 -14.79 2.70 9.47
C PHE A 118 -14.65 1.37 8.74
N LEU A 119 -14.84 0.29 9.50
CA LEU A 119 -14.90 -1.05 8.93
C LEU A 119 -16.34 -1.54 8.87
N TYR A 120 -16.60 -2.43 7.91
CA TYR A 120 -17.90 -3.07 7.81
C TYR A 120 -17.71 -4.58 7.72
N SER A 121 -18.52 -5.34 8.45
CA SER A 121 -18.38 -6.80 8.55
C SER A 121 -19.73 -7.48 8.63
N ASN A 122 -19.78 -8.74 8.15
CA ASN A 122 -20.86 -9.66 8.47
C ASN A 122 -20.53 -10.41 9.76
N ASP A 123 -21.52 -11.16 10.28
CA ASP A 123 -21.34 -11.81 11.57
C ASP A 123 -20.57 -13.13 11.47
N ASP A 124 -20.26 -13.58 10.25
CA ASP A 124 -19.48 -14.80 10.06
C ASP A 124 -18.03 -14.51 9.66
N MET A 125 -17.58 -13.27 9.87
CA MET A 125 -16.23 -12.86 9.55
C MET A 125 -15.51 -12.65 10.88
N PHE A 126 -14.29 -13.17 10.99
CA PHE A 126 -13.57 -13.13 12.28
C PHE A 126 -12.16 -12.62 12.10
N PHE A 127 -11.74 -11.77 13.03
CA PHE A 127 -10.32 -11.47 13.15
C PHE A 127 -9.62 -12.69 13.75
N GLY A 128 -8.51 -13.11 13.13
CA GLY A 128 -7.85 -14.34 13.51
C GLY A 128 -6.71 -14.22 14.50
N ARG A 129 -6.16 -13.03 14.63
CA ARG A 129 -5.01 -12.81 15.51
C ARG A 129 -4.85 -11.30 15.66
N PRO A 130 -4.01 -10.82 16.58
CA PRO A 130 -3.90 -9.37 16.81
C PRO A 130 -3.57 -8.60 15.53
N LEU A 131 -4.32 -7.53 15.28
CA LEU A 131 -4.21 -6.73 14.08
C LEU A 131 -3.77 -5.31 14.42
N LYS A 132 -3.01 -4.71 13.51
CA LYS A 132 -2.69 -3.29 13.58
C LYS A 132 -3.69 -2.51 12.75
N ALA A 133 -3.94 -1.24 13.14
CA ALA A 133 -4.86 -0.43 12.36
C ALA A 133 -4.38 -0.24 10.92
N SER A 134 -3.06 -0.25 10.68
CA SER A 134 -2.52 -0.09 9.35
C SER A 134 -2.78 -1.30 8.44
N MET A 135 -3.29 -2.41 8.97
CA MET A 135 -3.82 -3.47 8.12
C MET A 135 -4.93 -2.93 7.22
N PHE A 136 -5.66 -1.92 7.70
CA PHE A 136 -6.87 -1.41 7.06
C PHE A 136 -6.77 0.01 6.55
N PHE A 137 -6.03 0.89 7.23
CA PHE A 137 -5.96 2.29 6.84
C PHE A 137 -4.53 2.75 6.97
N SER A 138 -4.04 3.49 5.98
CA SER A 138 -2.74 4.11 6.15
C SER A 138 -2.86 5.27 7.15
N PRO A 139 -1.72 5.74 7.69
CA PRO A 139 -1.76 6.92 8.56
C PRO A 139 -2.32 8.16 7.89
N GLY A 140 -2.35 8.22 6.55
CA GLY A 140 -2.99 9.29 5.82
C GLY A 140 -4.41 9.02 5.38
N GLY A 141 -5.02 7.93 5.85
CA GLY A 141 -6.42 7.65 5.56
C GLY A 141 -6.71 6.82 4.32
N VAL A 142 -5.69 6.34 3.61
CA VAL A 142 -5.94 5.48 2.45
C VAL A 142 -6.42 4.12 2.92
N THR A 143 -7.54 3.66 2.37
CA THR A 143 -8.04 2.33 2.77
C THR A 143 -7.26 1.21 2.07
N ARG A 144 -7.15 0.07 2.76
CA ARG A 144 -6.39 -1.09 2.30
C ARG A 144 -7.34 -2.26 2.21
N PHE A 145 -7.78 -2.60 0.99
CA PHE A 145 -8.73 -3.71 0.85
C PHE A 145 -8.01 -5.00 0.42
N ILE A 146 -8.51 -6.13 0.91
CA ILE A 146 -7.87 -7.43 0.67
C ILE A 146 -8.48 -8.07 -0.57
N GLU A 147 -7.64 -8.25 -1.60
CA GLU A 147 -8.12 -8.77 -2.88
C GLU A 147 -8.04 -10.29 -2.96
N LEU A 187 -12.31 -9.28 -4.04
CA LEU A 187 -12.04 -9.06 -2.61
C LEU A 187 -12.24 -10.33 -1.78
N GLU A 188 -11.45 -10.45 -0.72
CA GLU A 188 -11.63 -11.53 0.23
C GLU A 188 -12.81 -11.24 1.15
N HIS A 189 -13.32 -12.31 1.76
CA HIS A 189 -14.50 -12.22 2.64
C HIS A 189 -14.03 -11.83 4.04
N THR A 190 -13.64 -10.55 4.17
CA THR A 190 -13.16 -10.01 5.42
C THR A 190 -13.86 -8.68 5.66
N ALA A 191 -13.70 -8.13 6.87
CA ALA A 191 -14.13 -6.76 7.12
C ALA A 191 -13.50 -5.84 6.09
N VAL A 192 -14.28 -4.87 5.62
CA VAL A 192 -13.77 -3.97 4.58
C VAL A 192 -13.63 -2.56 5.14
N PRO A 193 -12.57 -1.84 4.79
CA PRO A 193 -12.41 -0.45 5.21
C PRO A 193 -13.08 0.51 4.24
N LEU A 194 -13.79 1.48 4.81
CA LEU A 194 -14.62 2.42 4.06
C LEU A 194 -14.42 3.82 4.60
N ARG A 195 -14.83 4.81 3.80
CA ARG A 195 -14.82 6.21 4.22
C ARG A 195 -16.18 6.81 3.93
N LYS A 196 -16.76 7.49 4.94
CA LYS A 196 -18.05 8.14 4.75
C LYS A 196 -18.01 9.15 3.61
N SER A 197 -16.97 9.98 3.56
CA SER A 197 -16.93 11.02 2.54
C SER A 197 -16.89 10.43 1.13
N VAL A 198 -16.22 9.29 0.94
CA VAL A 198 -16.18 8.68 -0.38
C VAL A 198 -17.54 8.07 -0.72
N LEU A 199 -18.20 7.46 0.27
CA LEU A 199 -19.55 6.94 0.03
C LEU A 199 -20.53 8.07 -0.30
N ILE A 200 -20.45 9.21 0.38
CA ILE A 200 -21.29 10.36 0.03
C ILE A 200 -21.07 10.74 -1.42
N GLU A 201 -19.81 10.77 -1.85
CA GLU A 201 -19.48 11.10 -3.23
C GLU A 201 -20.05 10.08 -4.20
N MET A 202 -19.91 8.78 -3.92
CA MET A 202 -20.51 7.82 -4.85
C MET A 202 -22.02 7.90 -4.87
N GLU A 203 -22.66 8.20 -3.74
CA GLU A 203 -24.12 8.32 -3.77
C GLU A 203 -24.55 9.50 -4.63
N ARG A 204 -23.75 10.56 -4.64
CA ARG A 204 -24.07 11.71 -5.48
C ARG A 204 -23.84 11.39 -6.95
N GLU A 205 -22.81 10.61 -7.26
CA GLU A 205 -22.45 10.30 -8.64
C GLU A 205 -23.29 9.18 -9.26
N PHE A 206 -23.86 8.29 -8.43
CA PHE A 206 -24.70 7.20 -8.89
C PHE A 206 -26.02 7.22 -8.15
N PRO A 207 -26.76 8.33 -8.28
CA PRO A 207 -27.95 8.52 -7.43
C PRO A 207 -29.06 7.51 -7.71
N GLU A 208 -29.26 7.13 -8.97
CA GLU A 208 -30.31 6.16 -9.26
C GLU A 208 -29.97 4.77 -8.73
N GLU A 209 -28.69 4.38 -8.78
CA GLU A 209 -28.30 3.07 -8.29
C GLU A 209 -28.39 3.00 -6.77
N PHE A 210 -27.92 4.05 -6.08
CA PHE A 210 -28.03 4.05 -4.62
C PHE A 210 -29.49 4.08 -4.18
N ALA A 211 -30.33 4.86 -4.86
CA ALA A 211 -31.75 4.90 -4.49
C ALA A 211 -32.41 3.55 -4.73
N ARG A 212 -32.12 2.92 -5.87
CA ARG A 212 -32.79 1.66 -6.18
C ARG A 212 -32.34 0.57 -5.23
N THR A 213 -31.04 0.48 -4.96
CA THR A 213 -30.55 -0.55 -4.06
C THR A 213 -31.08 -0.36 -2.64
N ALA A 214 -31.09 0.88 -2.14
CA ALA A 214 -31.66 1.12 -0.81
C ALA A 214 -33.12 0.70 -0.76
N ALA A 215 -33.85 0.88 -1.86
CA ALA A 215 -35.26 0.56 -1.90
C ALA A 215 -35.55 -0.85 -2.40
N SER A 216 -34.55 -1.72 -2.46
CA SER A 216 -34.79 -3.08 -2.92
C SER A 216 -34.96 -3.99 -1.72
N PRO A 217 -36.19 -4.41 -1.39
CA PRO A 217 -36.43 -5.10 -0.11
C PRO A 217 -35.77 -6.46 -0.03
N PHE A 218 -35.43 -7.09 -1.15
CA PHE A 218 -34.74 -8.38 -1.12
C PHE A 218 -33.51 -8.34 -2.03
N ARG A 219 -32.49 -9.09 -1.64
CA ARG A 219 -31.29 -9.23 -2.46
C ARG A 219 -31.63 -9.46 -3.93
N SER A 220 -31.03 -8.64 -4.81
CA SER A 220 -31.37 -8.63 -6.23
C SER A 220 -30.12 -8.49 -7.08
N ASP A 221 -30.16 -9.10 -8.26
CA ASP A 221 -29.10 -8.91 -9.26
C ASP A 221 -28.91 -7.45 -9.63
N THR A 222 -29.93 -6.63 -9.45
CA THR A 222 -29.84 -5.20 -9.77
C THR A 222 -29.10 -4.41 -8.68
N ASP A 223 -28.85 -5.00 -7.52
CA ASP A 223 -28.17 -4.29 -6.44
C ASP A 223 -26.77 -3.88 -6.87
N ILE A 224 -26.35 -2.68 -6.50
CA ILE A 224 -24.93 -2.36 -6.53
C ILE A 224 -24.28 -2.98 -5.30
N SER A 225 -23.08 -3.55 -5.49
CA SER A 225 -22.36 -4.28 -4.45
C SER A 225 -21.34 -3.34 -3.83
N VAL A 226 -21.85 -2.43 -2.99
CA VAL A 226 -21.04 -1.31 -2.52
C VAL A 226 -19.85 -1.81 -1.71
N THR A 227 -20.14 -2.56 -0.63
CA THR A 227 -19.09 -2.78 0.35
C THR A 227 -18.12 -3.87 -0.09
N ASN A 228 -18.57 -4.82 -0.90
CA ASN A 228 -17.68 -5.91 -1.26
C ASN A 228 -17.00 -5.72 -2.62
N SER A 229 -17.29 -4.64 -3.35
CA SER A 229 -16.65 -4.48 -4.66
C SER A 229 -16.64 -3.04 -5.16
N PHE A 230 -17.83 -2.49 -5.41
CA PHE A 230 -17.96 -1.19 -6.08
C PHE A 230 -17.18 -0.09 -5.36
N TYR A 231 -17.32 0.01 -4.03
CA TYR A 231 -16.58 1.03 -3.29
C TYR A 231 -15.10 0.95 -3.62
N HIS A 232 -14.53 -0.25 -3.55
CA HIS A 232 -13.09 -0.39 -3.63
C HIS A 232 -12.58 -0.07 -5.02
N TYR A 233 -13.33 -0.43 -6.06
CA TYR A 233 -12.95 -0.06 -7.42
C TYR A 233 -13.00 1.45 -7.61
N TYR A 234 -14.05 2.09 -7.10
CA TYR A 234 -14.19 3.53 -7.19
C TYR A 234 -13.07 4.22 -6.42
N ALA A 235 -12.80 3.76 -5.19
CA ALA A 235 -11.74 4.36 -4.38
C ALA A 235 -10.36 4.08 -4.95
N LEU A 236 -10.14 2.87 -5.48
CA LEU A 236 -8.88 2.58 -6.16
C LEU A 236 -8.61 3.57 -7.29
N MET A 237 -9.59 3.74 -8.19
CA MET A 237 -9.37 4.57 -9.37
C MET A 237 -9.23 6.03 -9.03
N THR A 238 -9.81 6.51 -7.92
CA THR A 238 -9.71 7.90 -7.52
C THR A 238 -8.64 8.14 -6.46
N GLY A 239 -7.74 7.18 -6.25
CA GLY A 239 -6.56 7.43 -5.43
C GLY A 239 -6.78 7.42 -3.94
N ARG A 240 -7.82 6.75 -3.46
CA ARG A 240 -8.14 6.77 -2.05
C ARG A 240 -8.10 5.39 -1.43
N ALA A 241 -7.80 4.37 -2.23
CA ALA A 241 -7.66 2.99 -1.73
C ALA A 241 -6.52 2.31 -2.48
N VAL A 242 -5.87 1.38 -1.79
CA VAL A 242 -4.81 0.58 -2.40
C VAL A 242 -4.96 -0.84 -1.87
N PRO A 243 -4.68 -1.88 -2.65
CA PRO A 243 -4.84 -3.25 -2.14
C PRO A 243 -3.95 -3.51 -0.93
N GLN A 244 -4.41 -4.43 -0.07
CA GLN A 244 -3.63 -4.93 1.05
C GLN A 244 -3.04 -6.25 0.57
N GLU A 245 -1.75 -6.23 0.23
CA GLU A 245 -1.06 -7.41 -0.28
C GLU A 245 -0.58 -8.33 0.84
N LYS A 246 -0.62 -7.89 2.09
CA LYS A 246 -0.05 -8.65 3.20
C LYS A 246 -1.16 -9.00 4.18
N ALA A 247 -1.93 -10.03 3.83
CA ALA A 247 -2.96 -10.53 4.72
C ALA A 247 -3.14 -12.01 4.45
N LYS A 248 -3.33 -12.79 5.51
CA LYS A 248 -3.61 -14.22 5.40
C LYS A 248 -5.06 -14.48 5.81
N VAL A 249 -5.81 -15.11 4.91
CA VAL A 249 -7.24 -15.36 5.10
C VAL A 249 -7.51 -16.85 4.93
N LEU A 250 -8.31 -17.43 5.83
CA LEU A 250 -8.74 -18.82 5.73
C LEU A 250 -10.25 -18.89 5.57
N TYR A 251 -10.73 -19.61 4.54
CA TYR A 251 -12.15 -19.86 4.37
C TYR A 251 -12.50 -21.24 4.91
N VAL A 252 -13.50 -21.30 5.78
CA VAL A 252 -13.91 -22.57 6.41
C VAL A 252 -15.36 -22.87 6.05
N ASP A 253 -15.56 -23.90 5.22
CA ASP A 253 -16.91 -24.36 4.93
C ASP A 253 -17.38 -25.24 6.08
N THR A 254 -18.22 -24.70 6.95
CA THR A 254 -18.60 -25.43 8.15
C THR A 254 -19.63 -26.52 7.88
N THR A 255 -20.13 -26.62 6.65
CA THR A 255 -21.10 -27.65 6.31
C THR A 255 -20.45 -28.82 5.61
N SER A 256 -19.13 -28.84 5.50
CA SER A 256 -18.42 -29.96 4.90
C SER A 256 -17.45 -30.53 5.92
N TYR A 257 -17.14 -31.81 5.82
CA TYR A 257 -16.18 -32.37 6.77
C TYR A 257 -14.78 -31.85 6.51
N ALA A 258 -14.41 -31.62 5.25
CA ALA A 258 -13.11 -31.02 4.97
C ALA A 258 -12.99 -29.65 5.62
N GLY A 259 -14.07 -28.86 5.61
CA GLY A 259 -14.02 -27.56 6.25
C GLY A 259 -13.90 -27.65 7.76
N LEU A 260 -14.70 -28.51 8.38
CA LEU A 260 -14.63 -28.63 9.83
C LEU A 260 -13.27 -29.14 10.28
N ARG A 261 -12.59 -29.93 9.43
CA ARG A 261 -11.24 -30.40 9.75
C ARG A 261 -10.23 -29.25 9.80
N LEU A 262 -10.54 -28.11 9.18
CA LEU A 262 -9.64 -26.96 9.31
C LEU A 262 -9.61 -26.40 10.74
N LEU A 263 -10.68 -26.60 11.52
CA LEU A 263 -10.81 -25.85 12.78
C LEU A 263 -9.78 -26.25 13.84
N PRO A 264 -9.50 -27.53 14.07
CA PRO A 264 -8.46 -27.84 15.06
C PRO A 264 -7.08 -27.38 14.63
N LYS A 265 -6.79 -27.37 13.32
CA LYS A 265 -5.51 -26.87 12.83
C LYS A 265 -5.41 -25.36 12.99
N LEU A 266 -6.50 -24.64 12.70
CA LEU A 266 -6.53 -23.20 12.91
C LEU A 266 -6.38 -22.85 14.39
N ARG A 267 -7.14 -23.55 15.25
CA ARG A 267 -7.05 -23.30 16.69
C ARG A 267 -5.64 -23.53 17.21
N LYS A 268 -5.02 -24.64 16.79
CA LYS A 268 -3.70 -24.99 17.32
C LYS A 268 -2.58 -24.12 16.75
N HIS A 269 -2.59 -23.88 15.44
CA HIS A 269 -1.43 -23.32 14.76
C HIS A 269 -1.62 -21.90 14.28
N ARG A 270 -2.84 -21.40 14.22
CA ARG A 270 -3.11 -19.98 13.90
C ARG A 270 -2.51 -19.68 12.52
N GLY A 271 -1.87 -18.52 12.33
CA GLY A 271 -1.25 -18.20 11.07
C GLY A 271 -2.08 -17.30 10.18
N TYR A 272 -3.28 -16.93 10.61
CA TYR A 272 -4.22 -16.21 9.76
C TYR A 272 -4.66 -14.93 10.42
N ASP A 273 -4.66 -13.84 9.64
CA ASP A 273 -5.18 -12.57 10.13
C ASP A 273 -6.70 -12.57 10.19
N PHE A 274 -7.36 -13.32 9.29
CA PHE A 274 -8.81 -13.36 9.15
C PHE A 274 -9.24 -14.78 8.85
N PHE A 275 -10.42 -15.13 9.32
CA PHE A 275 -11.06 -16.32 8.77
C PHE A 275 -12.55 -16.07 8.70
N CYS A 276 -13.24 -16.91 7.95
CA CYS A 276 -14.66 -16.76 7.86
C CYS A 276 -15.30 -18.13 7.86
N LEU A 277 -16.47 -18.21 8.46
CA LEU A 277 -17.21 -19.47 8.61
C LEU A 277 -18.38 -19.44 7.64
N ASN A 278 -18.27 -20.24 6.58
CA ASN A 278 -19.27 -20.29 5.51
C ASN A 278 -20.25 -21.43 5.75
N ASP A 279 -21.48 -21.26 5.25
CA ASP A 279 -22.45 -22.34 5.11
C ASP A 279 -22.64 -22.63 3.62
N GLY A 280 -22.14 -23.76 3.16
CA GLY A 280 -22.32 -24.15 1.78
C GLY A 280 -23.78 -24.39 1.42
N PHE A 282 -25.15 -26.75 -0.18
CA PHE A 282 -25.43 -28.20 -0.16
C PHE A 282 -24.62 -28.92 0.92
N PRO A 283 -25.05 -28.79 2.17
CA PRO A 283 -24.29 -29.35 3.30
C PRO A 283 -24.27 -30.87 3.30
N GLU A 284 -23.18 -31.42 3.82
CA GLU A 284 -23.10 -32.85 4.12
C GLU A 284 -23.02 -33.12 5.62
N VAL A 285 -22.72 -32.10 6.43
CA VAL A 285 -22.62 -32.29 7.88
C VAL A 285 -24.00 -32.04 8.48
N PRO A 286 -24.49 -32.94 9.33
CA PRO A 286 -25.80 -32.69 9.97
C PRO A 286 -25.73 -31.43 10.82
N ALA A 287 -26.85 -30.72 10.90
CA ALA A 287 -26.86 -29.43 11.58
C ALA A 287 -26.40 -29.56 13.03
N ALA A 288 -26.80 -30.63 13.71
CA ALA A 288 -26.43 -30.80 15.11
C ALA A 288 -24.93 -30.91 15.29
N GLN A 289 -24.27 -31.72 14.44
CA GLN A 289 -22.82 -31.86 14.53
C GLN A 289 -22.10 -30.57 14.18
N ARG A 290 -22.59 -29.86 13.16
CA ARG A 290 -21.94 -28.61 12.77
C ARG A 290 -21.95 -27.61 13.91
N ALA A 291 -23.11 -27.42 14.54
CA ALA A 291 -23.20 -26.47 15.66
C ALA A 291 -22.28 -26.88 16.81
N GLU A 292 -22.26 -28.16 17.16
CA GLU A 292 -21.40 -28.60 18.26
C GLU A 292 -19.93 -28.29 17.95
N ARG A 293 -19.47 -28.63 16.75
CA ARG A 293 -18.05 -28.48 16.44
C ARG A 293 -17.68 -27.01 16.29
N VAL A 294 -18.57 -26.20 15.71
CA VAL A 294 -18.26 -24.79 15.51
C VAL A 294 -18.27 -24.04 16.85
N VAL A 295 -19.28 -24.28 17.69
CA VAL A 295 -19.34 -23.61 18.97
C VAL A 295 -18.14 -24.00 19.82
N SER A 296 -17.78 -25.30 19.81
CA SER A 296 -16.62 -25.76 20.57
C SER A 296 -15.36 -25.02 20.13
N PHE A 297 -15.17 -24.89 18.81
CA PHE A 297 -14.02 -24.16 18.29
C PHE A 297 -14.04 -22.70 18.74
N LEU A 298 -15.20 -22.04 18.62
CA LEU A 298 -15.25 -20.60 18.89
C LEU A 298 -15.04 -20.32 20.36
N GLU A 299 -15.61 -21.15 21.24
CA GLU A 299 -15.45 -20.97 22.67
C GLU A 299 -13.98 -21.05 23.08
N ARG A 300 -13.21 -21.92 22.41
CA ARG A 300 -11.80 -22.10 22.75
C ARG A 300 -10.94 -21.02 22.10
N TYR A 301 -11.27 -20.62 20.87
CA TYR A 301 -10.48 -19.63 20.15
C TYR A 301 -10.69 -18.24 20.72
N PHE A 302 -11.91 -17.94 21.17
CA PHE A 302 -12.28 -16.63 21.71
C PHE A 302 -12.83 -16.81 23.12
N PRO A 303 -11.99 -17.16 24.10
CA PRO A 303 -12.49 -17.53 25.43
C PRO A 303 -12.78 -16.39 26.38
N ILE A 304 -12.44 -15.16 26.02
CA ILE A 304 -12.59 -14.00 26.90
C ILE A 304 -13.92 -13.32 26.57
N PRO A 305 -14.85 -13.22 27.51
CA PRO A 305 -16.10 -12.52 27.22
C PRO A 305 -15.84 -11.03 27.08
N ALA A 306 -16.52 -10.40 26.13
CA ALA A 306 -16.29 -8.99 25.91
C ALA A 306 -17.02 -8.18 26.98
N PRO A 307 -16.61 -6.92 27.19
CA PRO A 307 -17.23 -6.15 28.30
C PRO A 307 -18.70 -5.86 28.10
N TRP A 308 -19.22 -5.96 26.88
CA TRP A 308 -20.63 -5.73 26.59
C TRP A 308 -21.48 -7.00 26.73
N GLU A 309 -20.92 -8.11 27.20
CA GLU A 309 -21.69 -9.33 27.40
C GLU A 309 -22.22 -9.36 28.82
N LYS A 310 -23.47 -9.80 28.98
CA LYS A 310 -24.11 -9.74 30.30
C LYS A 310 -23.35 -10.54 31.35
N PHE B 1 -1.89 5.99 -17.04
CA PHE B 1 -1.08 7.21 -17.12
C PHE B 1 0.38 6.85 -17.47
N ASP B 2 1.11 7.84 -18.01
CA ASP B 2 2.51 7.64 -18.35
C ASP B 2 3.34 7.53 -17.09
N ILE B 3 4.35 6.69 -17.14
CA ILE B 3 5.36 6.64 -16.07
C ILE B 3 6.74 6.75 -16.71
N ASP B 4 7.48 7.79 -16.33
CA ASP B 4 8.83 8.02 -16.81
C ASP B 4 9.82 7.55 -15.75
N MET B 5 11.10 7.58 -16.11
CA MET B 5 12.14 7.25 -15.15
C MET B 5 13.30 8.24 -15.30
N VAL B 6 13.89 8.64 -14.17
CA VAL B 6 15.02 9.55 -14.15
C VAL B 6 16.16 8.82 -13.44
N PHE B 7 17.31 8.73 -14.11
CA PHE B 7 18.55 8.28 -13.48
C PHE B 7 19.45 9.47 -13.27
N SER B 8 20.06 9.58 -12.08
CA SER B 8 21.18 10.49 -11.94
C SER B 8 22.45 9.74 -12.32
N TRP B 9 23.42 10.46 -12.89
CA TRP B 9 24.64 9.81 -13.33
C TRP B 9 25.80 10.80 -13.31
N VAL B 10 26.96 10.33 -12.86
CA VAL B 10 28.19 11.09 -12.96
C VAL B 10 29.27 10.17 -13.53
N ASP B 11 30.04 10.67 -14.48
CA ASP B 11 31.03 9.85 -15.15
C ASP B 11 32.24 9.63 -14.22
N ILE B 43 33.21 -0.28 -15.84
CA ILE B 43 32.07 -1.14 -15.53
C ILE B 43 30.84 -0.69 -16.32
N ASP B 44 30.62 0.62 -16.39
CA ASP B 44 29.45 1.19 -17.08
C ASP B 44 28.16 0.67 -16.45
N GLU B 45 28.04 0.82 -15.13
CA GLU B 45 26.86 0.29 -14.44
C GLU B 45 25.57 0.84 -15.02
N LEU B 46 25.57 2.12 -15.42
CA LEU B 46 24.37 2.72 -16.01
C LEU B 46 23.88 1.94 -17.20
N LYS B 47 24.80 1.41 -18.03
CA LYS B 47 24.40 0.64 -19.19
C LYS B 47 23.47 -0.51 -18.78
N TYR B 48 23.86 -1.25 -17.74
CA TYR B 48 23.11 -2.42 -17.32
C TYR B 48 21.87 -2.04 -16.52
N ALA B 49 21.94 -0.94 -15.76
CA ALA B 49 20.74 -0.43 -15.11
C ALA B 49 19.67 -0.12 -16.14
N LEU B 50 20.05 0.53 -17.23
CA LEU B 50 19.10 0.80 -18.32
C LEU B 50 18.62 -0.48 -18.99
N ARG B 51 19.51 -1.46 -19.18
CA ARG B 51 19.07 -2.75 -19.71
C ARG B 51 18.00 -3.38 -18.82
N SER B 52 18.16 -3.24 -17.50
CA SER B 52 17.17 -3.85 -16.60
C SER B 52 15.82 -3.18 -16.75
N VAL B 53 15.81 -1.87 -17.05
CA VAL B 53 14.54 -1.20 -17.32
C VAL B 53 13.96 -1.68 -18.65
N ASN B 54 14.79 -1.72 -19.69
CA ASN B 54 14.30 -2.19 -21.00
C ASN B 54 13.74 -3.61 -20.93
N MET B 55 14.40 -4.48 -20.17
CA MET B 55 14.04 -5.89 -20.07
C MET B 55 12.83 -6.11 -19.18
N PHE B 56 12.80 -5.44 -18.02
CA PHE B 56 11.88 -5.79 -16.96
C PHE B 56 10.84 -4.72 -16.64
N ALA B 57 10.95 -3.51 -17.20
CA ALA B 57 9.88 -2.52 -17.11
C ALA B 57 9.73 -1.83 -18.46
N PRO B 58 9.45 -2.61 -19.52
CA PRO B 58 9.33 -2.00 -20.85
C PRO B 58 8.19 -1.00 -20.99
N TRP B 59 7.28 -0.94 -20.00
CA TRP B 59 6.18 0.02 -20.00
C TRP B 59 6.60 1.43 -19.58
N ILE B 60 7.82 1.61 -19.09
CA ILE B 60 8.32 2.95 -18.84
C ILE B 60 8.32 3.73 -20.15
N ARG B 61 7.86 4.98 -20.09
CA ARG B 61 7.72 5.80 -21.30
C ARG B 61 9.03 6.47 -21.71
N ARG B 62 9.43 7.52 -20.99
CA ARG B 62 10.69 8.23 -21.23
C ARG B 62 11.67 7.95 -20.11
N ILE B 63 12.96 7.90 -20.46
CA ILE B 63 14.05 7.79 -19.50
C ILE B 63 14.89 9.05 -19.61
N PHE B 64 15.02 9.77 -18.51
CA PHE B 64 15.85 10.98 -18.43
C PHE B 64 17.14 10.64 -17.67
N ILE B 65 18.28 11.12 -18.18
CA ILE B 65 19.54 10.97 -17.47
C ILE B 65 19.94 12.36 -16.98
N ALA B 66 19.82 12.58 -15.67
CA ALA B 66 20.21 13.84 -15.04
C ALA B 66 21.72 13.81 -14.81
N THR B 67 22.45 14.52 -15.66
CA THR B 67 23.90 14.42 -15.59
C THR B 67 24.51 15.66 -16.21
N ASP B 68 25.67 16.04 -15.66
CA ASP B 68 26.45 17.12 -16.26
C ASP B 68 27.69 16.58 -16.94
N SER B 69 27.86 15.26 -16.97
CA SER B 69 28.98 14.61 -17.63
C SER B 69 28.75 14.46 -19.12
N THR B 70 29.83 14.25 -19.86
CA THR B 70 29.74 13.84 -21.25
C THR B 70 28.95 12.53 -21.33
N PRO B 71 27.98 12.41 -22.23
CA PRO B 71 27.25 11.15 -22.35
C PRO B 71 28.19 10.01 -22.66
N PRO B 72 27.88 8.80 -22.19
CA PRO B 72 28.81 7.69 -22.37
C PRO B 72 28.95 7.33 -23.85
N PRO B 73 30.08 6.76 -24.25
CA PRO B 73 30.30 6.47 -25.68
C PRO B 73 29.39 5.39 -26.23
N TRP B 74 28.90 4.49 -25.38
CA TRP B 74 28.03 3.42 -25.85
C TRP B 74 26.59 3.89 -26.09
N LEU B 75 26.26 5.12 -25.72
CA LEU B 75 24.88 5.61 -25.77
C LEU B 75 24.62 6.29 -27.11
N ALA B 76 23.70 5.72 -27.88
CA ALA B 76 23.28 6.33 -29.14
C ALA B 76 22.16 7.33 -28.90
N GLU B 77 21.98 8.23 -29.85
CA GLU B 77 20.81 9.10 -29.82
C GLU B 77 19.56 8.26 -30.06
N HIS B 78 18.59 8.39 -29.16
CA HIS B 78 17.41 7.55 -29.21
C HIS B 78 16.30 8.33 -28.52
N PRO B 79 15.07 8.31 -29.05
CA PRO B 79 14.00 9.13 -28.46
C PRO B 79 13.66 8.78 -27.03
N LYS B 80 13.92 7.53 -26.60
CA LYS B 80 13.58 7.12 -25.24
C LYS B 80 14.57 7.63 -24.19
N ILE B 81 15.69 8.22 -24.60
CA ILE B 81 16.74 8.67 -23.69
C ILE B 81 16.94 10.16 -23.88
N THR B 82 16.79 10.92 -22.80
CA THR B 82 16.97 12.37 -22.83
C THR B 82 18.01 12.75 -21.78
N ILE B 83 19.05 13.47 -22.22
CA ILE B 83 20.10 13.96 -21.32
C ILE B 83 19.63 15.29 -20.75
N VAL B 84 19.63 15.42 -19.42
CA VAL B 84 19.17 16.62 -18.74
C VAL B 84 20.31 17.18 -17.88
N ARG B 85 20.87 18.31 -18.32
CA ARG B 85 21.89 19.00 -17.54
C ARG B 85 21.22 19.75 -16.37
N ALA B 86 22.00 19.98 -15.31
CA ALA B 86 21.42 20.67 -14.15
C ALA B 86 20.89 22.05 -14.55
N GLU B 87 21.57 22.75 -15.45
CA GLU B 87 21.10 24.08 -15.85
C GLU B 87 19.76 24.02 -16.55
N ASP B 88 19.36 22.85 -17.03
CA ASP B 88 18.07 22.66 -17.68
C ASP B 88 16.90 22.57 -16.71
N HIS B 89 17.15 22.30 -15.42
CA HIS B 89 16.02 22.11 -14.52
C HIS B 89 16.22 22.71 -13.13
N PHE B 90 17.27 23.50 -12.90
CA PHE B 90 17.42 24.13 -11.60
C PHE B 90 16.73 25.50 -11.62
N SER B 91 16.02 25.80 -10.54
CA SER B 91 15.38 27.10 -10.41
C SER B 91 16.39 28.21 -10.20
N ASP B 92 17.51 27.90 -9.54
CA ASP B 92 18.60 28.84 -9.31
C ASP B 92 19.85 28.34 -10.03
N ARG B 93 20.12 28.90 -11.21
CA ARG B 93 21.34 28.51 -11.92
C ARG B 93 22.60 28.97 -11.19
N SER B 94 22.49 29.91 -10.26
CA SER B 94 23.70 30.29 -9.55
C SER B 94 24.15 29.21 -8.57
N ALA B 95 23.31 28.20 -8.31
CA ALA B 95 23.67 27.06 -7.48
C ALA B 95 24.59 26.08 -8.18
N LEU B 96 24.95 26.34 -9.44
CA LEU B 96 25.68 25.40 -10.26
C LEU B 96 27.13 25.84 -10.47
N PRO B 97 28.06 24.89 -10.67
CA PRO B 97 27.80 23.45 -10.66
C PRO B 97 27.58 22.88 -9.26
N THR B 98 26.89 21.75 -9.18
CA THR B 98 26.64 21.08 -7.92
C THR B 98 27.26 19.69 -7.94
N TYR B 99 27.71 19.25 -6.76
CA TYR B 99 28.20 17.89 -6.57
C TYR B 99 27.39 17.16 -5.50
N ASN B 100 26.14 17.60 -5.27
CA ASN B 100 25.29 17.13 -4.18
C ASN B 100 24.08 16.43 -4.80
N SER B 101 23.98 15.11 -4.62
CA SER B 101 22.81 14.40 -5.15
C SER B 101 21.52 14.96 -4.57
N HIS B 102 21.55 15.44 -3.32
CA HIS B 102 20.35 16.04 -2.73
C HIS B 102 19.91 17.27 -3.50
N ALA B 103 20.87 18.07 -3.98
CA ALA B 103 20.53 19.23 -4.77
C ALA B 103 19.76 18.84 -6.04
N VAL B 104 20.36 17.94 -6.84
CA VAL B 104 19.71 17.49 -8.05
C VAL B 104 18.35 16.88 -7.74
N GLU B 105 18.30 16.05 -6.69
CA GLU B 105 17.07 15.35 -6.32
C GLU B 105 15.97 16.31 -5.87
N SER B 106 16.32 17.50 -5.40
CA SER B 106 15.33 18.48 -5.01
C SER B 106 14.72 19.20 -6.20
N GLN B 107 15.27 19.02 -7.40
CA GLN B 107 14.87 19.77 -8.58
C GLN B 107 14.29 18.87 -9.67
N LEU B 108 14.01 17.60 -9.36
CA LEU B 108 13.58 16.66 -10.39
C LEU B 108 12.26 17.09 -11.01
N HIS B 109 11.35 17.63 -10.19
CA HIS B 109 10.04 17.97 -10.71
C HIS B 109 10.09 19.14 -11.69
N HIS B 110 11.22 19.81 -11.83
CA HIS B 110 11.36 20.87 -12.82
C HIS B 110 11.86 20.38 -14.17
N ILE B 111 12.09 19.08 -14.34
CA ILE B 111 12.64 18.57 -15.62
C ILE B 111 11.60 18.75 -16.72
N PRO B 112 11.93 19.39 -17.83
CA PRO B 112 10.93 19.59 -18.88
C PRO B 112 10.59 18.28 -19.58
N GLY B 113 9.28 18.02 -19.75
CA GLY B 113 8.79 16.83 -20.43
C GLY B 113 8.54 15.66 -19.52
N LEU B 114 8.98 15.73 -18.27
CA LEU B 114 8.79 14.64 -17.33
C LEU B 114 7.30 14.42 -17.03
N SER B 115 6.90 13.15 -16.98
CA SER B 115 5.52 12.81 -16.67
C SER B 115 5.19 13.10 -15.21
N GLU B 116 3.90 13.27 -14.94
CA GLU B 116 3.43 13.51 -13.58
C GLU B 116 3.86 12.38 -12.63
N HIS B 117 3.75 11.13 -13.07
CA HIS B 117 4.16 9.97 -12.28
C HIS B 117 5.50 9.48 -12.80
N PHE B 118 6.51 9.36 -11.93
CA PHE B 118 7.80 8.95 -12.44
C PHE B 118 8.59 8.22 -11.37
N LEU B 119 9.61 7.49 -11.80
CA LEU B 119 10.55 6.83 -10.90
C LEU B 119 11.87 7.57 -10.93
N TYR B 120 12.60 7.48 -9.80
CA TYR B 120 13.96 8.03 -9.71
C TYR B 120 14.91 6.96 -9.23
N SER B 121 16.07 6.87 -9.88
CA SER B 121 17.02 5.80 -9.59
C SER B 121 18.46 6.29 -9.67
N ASN B 122 19.34 5.64 -8.90
CA ASN B 122 20.78 5.76 -9.12
C ASN B 122 21.24 4.70 -10.13
N ASP B 123 22.51 4.79 -10.56
CA ASP B 123 22.99 3.85 -11.58
C ASP B 123 23.45 2.51 -11.00
N ASP B 124 23.40 2.32 -9.69
CA ASP B 124 23.78 1.05 -9.08
C ASP B 124 22.57 0.27 -8.62
N MET B 125 21.38 0.63 -9.10
CA MET B 125 20.11 0.00 -8.77
C MET B 125 19.59 -0.74 -9.99
N PHE B 126 19.11 -1.96 -9.80
CA PHE B 126 18.75 -2.85 -10.90
C PHE B 126 17.41 -3.51 -10.63
N PHE B 127 16.56 -3.55 -11.66
CA PHE B 127 15.38 -4.40 -11.63
C PHE B 127 15.81 -5.84 -11.86
N GLY B 128 15.29 -6.76 -11.04
CA GLY B 128 15.79 -8.13 -11.05
C GLY B 128 14.97 -9.16 -11.80
N ARG B 129 13.73 -8.80 -12.13
CA ARG B 129 12.83 -9.70 -12.84
C ARG B 129 11.68 -8.85 -13.36
N PRO B 130 10.82 -9.38 -14.22
CA PRO B 130 9.73 -8.53 -14.74
C PRO B 130 8.91 -7.89 -13.62
N LEU B 131 8.73 -6.57 -13.73
CA LEU B 131 7.94 -5.80 -12.76
C LEU B 131 6.72 -5.22 -13.44
N LYS B 132 5.66 -5.04 -12.67
CA LYS B 132 4.47 -4.36 -13.13
C LYS B 132 4.39 -2.98 -12.52
N ALA B 133 3.67 -2.09 -13.20
CA ALA B 133 3.57 -0.71 -12.72
C ALA B 133 2.97 -0.66 -11.32
N SER B 134 2.14 -1.65 -10.97
CA SER B 134 1.52 -1.71 -9.65
C SER B 134 2.52 -1.93 -8.51
N MET B 135 3.74 -2.41 -8.80
CA MET B 135 4.81 -2.37 -7.81
C MET B 135 5.03 -0.95 -7.26
N PHE B 136 4.80 0.06 -8.09
CA PHE B 136 5.20 1.43 -7.80
C PHE B 136 4.03 2.38 -7.62
N PHE B 137 2.95 2.18 -8.37
CA PHE B 137 1.82 3.12 -8.37
C PHE B 137 0.55 2.31 -8.43
N SER B 138 -0.45 2.71 -7.65
CA SER B 138 -1.78 2.17 -7.85
C SER B 138 -2.36 2.72 -9.14
N PRO B 139 -3.39 2.08 -9.67
CA PRO B 139 -4.10 2.67 -10.82
C PRO B 139 -4.64 4.07 -10.56
N GLY B 140 -4.82 4.44 -9.30
CA GLY B 140 -5.25 5.78 -8.96
C GLY B 140 -4.11 6.73 -8.66
N GLY B 141 -2.88 6.32 -8.90
CA GLY B 141 -1.75 7.21 -8.74
C GLY B 141 -1.12 7.28 -7.37
N VAL B 142 -1.56 6.45 -6.41
CA VAL B 142 -0.93 6.38 -5.10
C VAL B 142 0.44 5.70 -5.22
N THR B 143 1.47 6.34 -4.68
CA THR B 143 2.81 5.77 -4.82
C THR B 143 3.03 4.72 -3.74
N ARG B 144 3.88 3.73 -4.05
CA ARG B 144 4.15 2.59 -3.16
C ARG B 144 5.65 2.55 -2.89
N PHE B 145 6.05 2.91 -1.67
CA PHE B 145 7.48 3.01 -1.36
C PHE B 145 7.91 1.91 -0.40
N ILE B 146 9.15 1.46 -0.56
CA ILE B 146 9.65 0.28 0.16
C ILE B 146 10.45 0.74 1.37
N GLU B 147 9.86 0.60 2.56
CA GLU B 147 10.56 0.95 3.80
C GLU B 147 11.58 -0.12 4.16
N ALA B 148 12.67 0.33 4.77
CA ALA B 148 13.70 -0.57 5.27
C ALA B 148 13.38 -0.99 6.70
N GLU B 165 18.32 9.04 12.00
CA GLU B 165 19.51 9.68 11.46
C GLU B 165 19.29 11.18 11.32
N ASN B 166 20.24 11.88 10.68
CA ASN B 166 20.09 13.31 10.48
C ASN B 166 18.87 13.62 9.62
N ALA B 167 18.61 12.78 8.60
CA ALA B 167 17.43 12.98 7.75
C ALA B 167 16.15 12.79 8.54
N ALA B 168 16.10 11.78 9.41
CA ALA B 168 14.90 11.59 10.24
C ALA B 168 14.66 12.79 11.13
N ARG B 169 15.73 13.36 11.71
CA ARG B 169 15.59 14.57 12.51
C ARG B 169 14.99 15.71 11.67
N VAL B 170 15.52 15.91 10.46
CA VAL B 170 15.02 16.98 9.60
C VAL B 170 13.56 16.75 9.21
N ASN B 171 13.23 15.53 8.76
CA ASN B 171 11.86 15.24 8.36
C ASN B 171 10.86 15.45 9.51
N ARG B 172 11.19 14.93 10.69
CA ARG B 172 10.23 15.02 11.80
C ARG B 172 10.03 16.46 12.24
N GLN B 173 11.10 17.25 12.22
CA GLN B 173 10.98 18.68 12.51
C GLN B 173 10.04 19.37 11.52
N LEU B 174 10.23 19.10 10.23
CA LEU B 174 9.46 19.82 9.20
C LEU B 174 8.00 19.37 9.17
N LEU B 175 7.72 18.11 9.51
CA LEU B 175 6.35 17.61 9.45
C LEU B 175 5.56 17.86 10.73
N PHE B 176 6.21 18.38 11.78
CA PHE B 176 5.61 18.37 13.11
C PHE B 176 4.46 19.37 13.21
N ASP B 177 4.64 20.57 12.66
CA ASP B 177 3.59 21.59 12.82
C ASP B 177 2.27 21.11 12.25
N ARG B 178 2.29 20.43 11.11
CA ARG B 178 1.06 20.04 10.45
C ARG B 178 0.57 18.67 10.90
N PHE B 179 1.48 17.74 11.16
CA PHE B 179 1.11 16.34 11.36
C PHE B 179 1.45 15.80 12.74
N GLY B 180 2.12 16.58 13.59
CA GLY B 180 2.56 16.02 14.86
C GLY B 180 3.74 15.08 14.64
N GLN B 181 3.95 14.23 15.64
CA GLN B 181 5.07 13.28 15.59
C GLN B 181 4.84 12.26 14.49
N VAL B 182 5.71 12.26 13.48
CA VAL B 182 5.68 11.27 12.41
C VAL B 182 6.93 10.40 12.55
N ILE B 183 6.74 9.08 12.60
CA ILE B 183 7.85 8.15 12.74
C ILE B 183 8.35 7.87 11.32
N THR B 184 9.26 8.70 10.86
CA THR B 184 9.82 8.52 9.55
C THR B 184 10.84 7.40 9.58
N ARG B 185 10.92 6.67 8.47
CA ARG B 185 11.98 5.70 8.31
C ARG B 185 12.72 6.10 7.05
N HIS B 186 13.51 5.20 6.51
CA HIS B 186 14.16 5.45 5.24
C HIS B 186 13.96 4.25 4.33
N LEU B 187 14.10 4.51 3.04
CA LEU B 187 13.72 3.56 2.01
C LEU B 187 14.88 2.63 1.68
N GLU B 188 14.53 1.46 1.16
CA GLU B 188 15.51 0.57 0.55
C GLU B 188 16.16 1.27 -0.65
N HIS B 189 17.31 0.72 -1.06
CA HIS B 189 18.10 1.29 -2.15
C HIS B 189 17.59 0.73 -3.48
N THR B 190 16.42 1.25 -3.88
CA THR B 190 15.74 0.87 -5.12
C THR B 190 15.19 2.13 -5.78
N ALA B 191 14.73 1.97 -7.02
CA ALA B 191 14.02 3.07 -7.68
C ALA B 191 12.84 3.48 -6.83
N VAL B 192 12.56 4.79 -6.75
CA VAL B 192 11.46 5.26 -5.89
C VAL B 192 10.40 5.95 -6.72
N PRO B 193 9.12 5.77 -6.36
CA PRO B 193 8.05 6.42 -7.11
C PRO B 193 7.74 7.80 -6.55
N LEU B 194 7.51 8.75 -7.46
CA LEU B 194 7.33 10.15 -7.15
C LEU B 194 6.24 10.75 -8.03
N ARG B 195 5.72 11.90 -7.61
CA ARG B 195 4.75 12.64 -8.41
C ARG B 195 5.17 14.11 -8.49
N LYS B 196 5.19 14.65 -9.71
CA LYS B 196 5.59 16.05 -9.90
C LYS B 196 4.67 16.98 -9.09
N SER B 197 3.36 16.78 -9.18
CA SER B 197 2.42 17.66 -8.50
C SER B 197 2.62 17.66 -7.00
N VAL B 198 2.99 16.52 -6.42
CA VAL B 198 3.21 16.46 -4.98
C VAL B 198 4.53 17.11 -4.61
N LEU B 199 5.55 16.96 -5.46
CA LEU B 199 6.81 17.67 -5.22
C LEU B 199 6.61 19.18 -5.31
N ILE B 200 5.80 19.64 -6.26
CA ILE B 200 5.51 21.08 -6.37
C ILE B 200 4.82 21.58 -5.12
N GLU B 201 3.84 20.80 -4.61
CA GLU B 201 3.19 21.13 -3.35
C GLU B 201 4.21 21.20 -2.22
N MET B 202 5.17 20.28 -2.18
CA MET B 202 6.16 20.35 -1.11
C MET B 202 7.03 21.58 -1.24
N GLU B 203 7.35 21.98 -2.47
CA GLU B 203 8.15 23.20 -2.62
C GLU B 203 7.35 24.42 -2.18
N ARG B 204 6.03 24.44 -2.46
CA ARG B 204 5.20 25.51 -1.95
C ARG B 204 5.20 25.55 -0.42
N GLU B 205 5.23 24.38 0.21
CA GLU B 205 5.13 24.32 1.67
C GLU B 205 6.47 24.54 2.34
N PHE B 206 7.57 24.17 1.67
CA PHE B 206 8.90 24.24 2.26
C PHE B 206 9.87 24.92 1.29
N PRO B 207 9.54 26.14 0.82
CA PRO B 207 10.36 26.72 -0.26
C PRO B 207 11.79 27.00 0.15
N GLU B 208 12.02 27.47 1.38
CA GLU B 208 13.38 27.76 1.84
C GLU B 208 14.21 26.49 1.95
N GLU B 209 13.60 25.37 2.33
CA GLU B 209 14.36 24.14 2.47
C GLU B 209 14.78 23.61 1.10
N PHE B 210 13.88 23.68 0.12
CA PHE B 210 14.24 23.32 -1.25
C PHE B 210 15.35 24.23 -1.77
N ALA B 211 15.21 25.53 -1.57
CA ALA B 211 16.20 26.46 -2.12
C ALA B 211 17.55 26.25 -1.47
N ARG B 212 17.57 26.05 -0.15
CA ARG B 212 18.82 25.85 0.58
C ARG B 212 19.51 24.57 0.13
N THR B 213 18.73 23.51 -0.12
CA THR B 213 19.33 22.26 -0.55
C THR B 213 19.85 22.34 -1.98
N ALA B 214 19.11 22.97 -2.88
CA ALA B 214 19.59 23.11 -4.24
C ALA B 214 20.91 23.87 -4.29
N ALA B 215 21.08 24.84 -3.39
CA ALA B 215 22.27 25.69 -3.41
C ALA B 215 23.44 25.07 -2.66
N SER B 216 23.29 23.87 -2.10
CA SER B 216 24.37 23.24 -1.35
C SER B 216 25.22 22.40 -2.29
N PRO B 217 26.46 22.80 -2.57
CA PRO B 217 27.25 22.07 -3.58
C PRO B 217 27.68 20.67 -3.16
N PHE B 218 27.71 20.37 -1.86
CA PHE B 218 27.99 19.03 -1.37
C PHE B 218 26.94 18.60 -0.36
N ARG B 219 26.72 17.29 -0.25
CA ARG B 219 25.80 16.77 0.76
C ARG B 219 26.06 17.42 2.10
N SER B 220 24.98 17.90 2.74
CA SER B 220 25.11 18.65 3.98
C SER B 220 24.04 18.21 4.96
N ASP B 221 24.37 18.29 6.25
CA ASP B 221 23.40 17.95 7.29
C ASP B 221 22.19 18.87 7.30
N THR B 222 22.25 20.03 6.62
CA THR B 222 21.10 20.90 6.51
C THR B 222 20.21 20.58 5.31
N ASP B 223 20.63 19.66 4.44
CA ASP B 223 19.80 19.28 3.29
C ASP B 223 18.48 18.66 3.76
N ILE B 224 17.44 18.77 2.91
CA ILE B 224 16.34 17.82 2.92
C ILE B 224 16.69 16.70 1.95
N SER B 225 16.27 15.48 2.29
CA SER B 225 16.57 14.29 1.49
C SER B 225 15.24 13.90 0.86
N VAL B 226 14.93 14.55 -0.26
CA VAL B 226 13.60 14.42 -0.86
C VAL B 226 13.30 12.98 -1.26
N THR B 227 14.22 12.34 -2.01
CA THR B 227 13.89 11.05 -2.61
C THR B 227 14.11 9.85 -1.68
N ASN B 228 14.99 9.94 -0.68
CA ASN B 228 15.16 8.79 0.20
C ASN B 228 14.14 8.73 1.32
N SER B 229 13.51 9.86 1.69
CA SER B 229 12.60 9.84 2.83
C SER B 229 11.55 10.95 2.83
N PHE B 230 11.95 12.21 2.60
CA PHE B 230 11.05 13.34 2.92
C PHE B 230 9.79 13.30 2.09
N TYR B 231 9.92 13.10 0.77
CA TYR B 231 8.74 13.01 -0.07
C TYR B 231 7.77 11.97 0.47
N HIS B 232 8.31 10.81 0.83
CA HIS B 232 7.47 9.64 1.08
C HIS B 232 6.65 9.81 2.35
N TYR B 233 7.23 10.42 3.38
CA TYR B 233 6.46 10.62 4.60
C TYR B 233 5.54 11.82 4.48
N TYR B 234 5.91 12.86 3.72
CA TYR B 234 4.94 13.91 3.41
C TYR B 234 3.76 13.31 2.67
N ALA B 235 4.05 12.50 1.65
CA ALA B 235 2.98 11.89 0.87
C ALA B 235 2.17 10.90 1.70
N LEU B 236 2.85 10.15 2.59
CA LEU B 236 2.12 9.25 3.47
C LEU B 236 1.08 9.99 4.30
N MET B 237 1.49 11.11 4.90
CA MET B 237 0.60 11.82 5.83
C MET B 237 -0.51 12.57 5.11
N THR B 238 -0.35 12.85 3.83
CA THR B 238 -1.39 13.51 3.04
C THR B 238 -2.18 12.54 2.17
N GLY B 239 -2.05 11.24 2.42
CA GLY B 239 -2.90 10.26 1.76
C GLY B 239 -2.57 9.98 0.31
N ARG B 240 -1.31 10.18 -0.09
CA ARG B 240 -0.92 10.00 -1.47
C ARG B 240 0.13 8.92 -1.67
N ALA B 241 0.61 8.31 -0.59
CA ALA B 241 1.54 7.20 -0.66
C ALA B 241 1.19 6.17 0.41
N VAL B 242 1.48 4.92 0.10
CA VAL B 242 1.30 3.80 1.03
C VAL B 242 2.51 2.87 0.90
N PRO B 243 3.10 2.39 2.00
CA PRO B 243 4.26 1.52 1.87
C PRO B 243 3.98 0.28 1.03
N GLN B 244 5.00 -0.13 0.28
CA GLN B 244 5.01 -1.37 -0.48
C GLN B 244 5.68 -2.44 0.38
N GLU B 245 4.92 -3.47 0.76
CA GLU B 245 5.44 -4.51 1.65
C GLU B 245 5.70 -5.83 0.95
N LYS B 246 5.40 -5.94 -0.35
CA LYS B 246 5.48 -7.23 -1.04
C LYS B 246 6.79 -7.45 -1.79
N ALA B 247 7.70 -6.48 -1.78
CA ALA B 247 8.87 -6.49 -2.65
C ALA B 247 10.03 -7.22 -2.01
N LYS B 248 10.87 -7.82 -2.85
CA LYS B 248 12.07 -8.51 -2.38
C LYS B 248 13.29 -7.78 -2.92
N VAL B 249 14.21 -7.41 -2.04
CA VAL B 249 15.34 -6.55 -2.36
C VAL B 249 16.62 -7.20 -1.85
N LEU B 250 17.65 -7.27 -2.70
CA LEU B 250 18.92 -7.87 -2.34
C LEU B 250 20.02 -6.83 -2.48
N TYR B 251 20.87 -6.75 -1.45
CA TYR B 251 22.06 -5.92 -1.48
C TYR B 251 23.25 -6.83 -1.77
N VAL B 252 24.11 -6.43 -2.71
CA VAL B 252 25.26 -7.22 -3.10
C VAL B 252 26.52 -6.43 -2.80
N ASP B 253 27.41 -7.03 -2.02
CA ASP B 253 28.69 -6.41 -1.69
C ASP B 253 29.73 -6.91 -2.68
N THR B 254 30.10 -6.07 -3.63
CA THR B 254 31.06 -6.43 -4.66
C THR B 254 32.49 -6.14 -4.25
N THR B 255 32.71 -5.64 -3.04
CA THR B 255 34.04 -5.24 -2.62
C THR B 255 34.74 -6.32 -1.83
N SER B 256 34.04 -7.38 -1.45
CA SER B 256 34.62 -8.44 -0.63
C SER B 256 34.48 -9.78 -1.34
N TYR B 257 35.39 -10.71 -1.03
CA TYR B 257 35.27 -12.03 -1.65
C TYR B 257 34.04 -12.76 -1.16
N ALA B 258 33.70 -12.59 0.13
CA ALA B 258 32.49 -13.21 0.64
C ALA B 258 31.26 -12.73 -0.12
N GLY B 259 31.24 -11.45 -0.52
CA GLY B 259 30.11 -10.91 -1.24
C GLY B 259 30.00 -11.31 -2.69
N LEU B 260 31.15 -11.43 -3.39
CA LEU B 260 31.14 -11.88 -4.78
C LEU B 260 30.53 -13.25 -4.93
N ARG B 261 30.69 -14.11 -3.92
CA ARG B 261 30.12 -15.46 -3.97
C ARG B 261 28.61 -15.45 -4.15
N LEU B 262 27.96 -14.33 -3.89
CA LEU B 262 26.50 -14.26 -4.02
C LEU B 262 26.06 -14.06 -5.46
N LEU B 263 26.92 -13.48 -6.30
CA LEU B 263 26.53 -13.18 -7.68
C LEU B 263 26.00 -14.38 -8.45
N PRO B 264 26.68 -15.54 -8.49
CA PRO B 264 26.10 -16.67 -9.24
C PRO B 264 24.83 -17.21 -8.61
N LYS B 265 24.67 -17.08 -7.28
CA LYS B 265 23.41 -17.48 -6.66
C LYS B 265 22.27 -16.60 -7.16
N LEU B 266 22.51 -15.29 -7.19
CA LEU B 266 21.51 -14.36 -7.71
C LEU B 266 21.20 -14.66 -9.17
N ARG B 267 22.22 -14.90 -9.98
CA ARG B 267 22.02 -15.20 -11.40
C ARG B 267 21.15 -16.43 -11.59
N LYS B 268 21.42 -17.50 -10.85
CA LYS B 268 20.74 -18.77 -11.11
C LYS B 268 19.32 -18.75 -10.56
N HIS B 269 19.15 -18.35 -9.31
CA HIS B 269 17.86 -18.47 -8.62
C HIS B 269 16.98 -17.23 -8.78
N ARG B 270 17.54 -16.10 -9.18
CA ARG B 270 16.80 -14.83 -9.24
C ARG B 270 16.05 -14.69 -7.91
N GLY B 271 14.75 -14.46 -7.92
CA GLY B 271 14.02 -14.39 -6.69
C GLY B 271 13.90 -13.02 -6.10
N TYR B 272 14.48 -11.99 -6.72
CA TYR B 272 14.42 -10.63 -6.21
C TYR B 272 13.85 -9.66 -7.23
N ASP B 273 12.96 -8.78 -6.75
CA ASP B 273 12.45 -7.72 -7.61
C ASP B 273 13.50 -6.66 -7.90
N PHE B 274 14.37 -6.39 -6.91
CA PHE B 274 15.36 -5.34 -7.00
C PHE B 274 16.67 -5.84 -6.41
N PHE B 275 17.79 -5.42 -6.98
CA PHE B 275 19.05 -5.60 -6.27
C PHE B 275 19.94 -4.40 -6.51
N CYS B 276 20.96 -4.23 -5.68
CA CYS B 276 21.88 -3.15 -5.93
C CYS B 276 23.28 -3.68 -5.71
N LEU B 277 24.24 -3.05 -6.37
CA LEU B 277 25.65 -3.43 -6.27
C LEU B 277 26.39 -2.29 -5.60
N ASN B 278 27.05 -2.58 -4.48
CA ASN B 278 27.81 -1.53 -3.83
C ASN B 278 29.16 -1.32 -4.52
N ASP B 279 29.89 -0.35 -3.99
CA ASP B 279 31.23 -0.02 -4.45
C ASP B 279 32.02 0.38 -3.22
N GLY B 280 33.27 0.74 -3.44
CA GLY B 280 34.14 1.12 -2.35
C GLY B 280 35.44 1.66 -2.89
N SER B 281 36.03 2.64 -2.20
CA SER B 281 37.23 3.28 -2.70
C SER B 281 38.47 2.42 -2.51
N PHE B 282 38.45 1.52 -1.53
CA PHE B 282 39.61 0.68 -1.18
C PHE B 282 39.12 -0.74 -0.93
N PRO B 283 38.60 -1.41 -1.95
CA PRO B 283 37.97 -2.72 -1.73
C PRO B 283 38.98 -3.80 -1.39
N GLU B 284 38.49 -4.84 -0.71
CA GLU B 284 39.30 -6.04 -0.51
C GLU B 284 39.63 -6.69 -1.84
N VAL B 285 38.61 -6.89 -2.68
CA VAL B 285 38.82 -7.36 -4.04
C VAL B 285 39.49 -6.26 -4.85
N PRO B 286 40.69 -6.49 -5.40
CA PRO B 286 41.36 -5.45 -6.18
C PRO B 286 40.43 -4.90 -7.28
N ALA B 287 40.51 -3.59 -7.50
CA ALA B 287 39.53 -2.93 -8.38
C ALA B 287 39.46 -3.60 -9.75
N ALA B 288 40.59 -3.99 -10.32
CA ALA B 288 40.56 -4.60 -11.65
C ALA B 288 39.78 -5.92 -11.65
N GLN B 289 39.99 -6.75 -10.63
CA GLN B 289 39.24 -8.00 -10.55
C GLN B 289 37.77 -7.74 -10.28
N ARG B 290 37.47 -6.80 -9.39
CA ARG B 290 36.08 -6.44 -9.13
C ARG B 290 35.37 -6.05 -10.42
N ALA B 291 36.02 -5.20 -11.23
CA ALA B 291 35.41 -4.73 -12.47
C ALA B 291 35.15 -5.90 -13.42
N GLU B 292 36.13 -6.78 -13.59
CA GLU B 292 35.95 -7.98 -14.42
C GLU B 292 34.78 -8.83 -13.95
N ARG B 293 34.70 -9.08 -12.64
CA ARG B 293 33.67 -9.96 -12.11
C ARG B 293 32.30 -9.31 -12.18
N VAL B 294 32.24 -8.00 -11.92
CA VAL B 294 30.94 -7.32 -11.94
C VAL B 294 30.44 -7.22 -13.37
N VAL B 295 31.31 -6.86 -14.32
CA VAL B 295 30.86 -6.78 -15.71
C VAL B 295 30.46 -8.15 -16.23
N SER B 296 31.22 -9.19 -15.86
CA SER B 296 30.87 -10.54 -16.28
C SER B 296 29.48 -10.92 -15.78
N PHE B 297 29.17 -10.60 -14.52
CA PHE B 297 27.87 -10.92 -13.97
C PHE B 297 26.77 -10.12 -14.67
N LEU B 298 26.98 -8.82 -14.83
CA LEU B 298 25.94 -7.94 -15.35
C LEU B 298 25.63 -8.24 -16.81
N GLU B 299 26.66 -8.57 -17.59
CA GLU B 299 26.39 -8.82 -19.01
C GLU B 299 25.73 -10.17 -19.22
N ARG B 300 25.73 -11.03 -18.22
CA ARG B 300 25.00 -12.30 -18.29
C ARG B 300 23.62 -12.22 -17.66
N TYR B 301 23.48 -11.44 -16.58
CA TYR B 301 22.16 -11.20 -16.01
C TYR B 301 21.30 -10.38 -16.97
N PHE B 302 21.92 -9.45 -17.69
CA PHE B 302 21.24 -8.57 -18.63
C PHE B 302 21.89 -8.71 -20.01
N PRO B 303 21.63 -9.82 -20.71
CA PRO B 303 22.41 -10.14 -21.92
C PRO B 303 21.93 -9.48 -23.19
N ILE B 304 20.89 -8.64 -23.14
CA ILE B 304 20.26 -8.10 -24.34
C ILE B 304 20.60 -6.60 -24.39
N PRO B 305 21.41 -6.15 -25.34
CA PRO B 305 21.61 -4.72 -25.53
C PRO B 305 20.28 -4.00 -25.75
N ALA B 306 20.14 -2.86 -25.10
CA ALA B 306 18.94 -2.02 -25.20
C ALA B 306 18.94 -1.24 -26.51
N PRO B 307 17.76 -0.75 -26.93
CA PRO B 307 17.67 -0.07 -28.24
C PRO B 307 18.54 1.18 -28.38
N TRP B 308 18.92 1.82 -27.29
CA TRP B 308 19.71 3.04 -27.32
C TRP B 308 21.21 2.79 -27.29
N GLU B 309 21.65 1.55 -27.29
CA GLU B 309 23.07 1.24 -27.30
C GLU B 309 23.57 1.17 -28.75
N LYS B 310 24.78 1.67 -28.97
CA LYS B 310 25.37 1.65 -30.30
C LYS B 310 25.62 0.21 -30.76
#